data_6IJV
#
_entry.id   6IJV
#
loop_
_entity.id
_entity.type
_entity.pdbx_description
1 polymer "DNA (5'-D(*CP*GP*CP*GP*AP*AP*AP*TP*TP*TP*CP*GP*CP*G)-3')"
2 non-polymer "2,2'-{(4-hydroxy-1,3-phenylene)di[(E)ethene-2,1-diyl]}bis(3-methyl-1,3-benzothiazol-3-ium)"
#
_entity_poly.entity_id   1
_entity_poly.type   'polydeoxyribonucleotide'
_entity_poly.pdbx_seq_one_letter_code
;(DC)(DG)(DC)(DG)(DA)(DA)(DA)(DT)(DT)(DT)(DC)(DG)(DC)(DG)
;
_entity_poly.pdbx_strand_id   A,B
#